data_2D0E
#
_entry.id   2D0E
#
_cell.length_a   55.823
_cell.length_b   69.199
_cell.length_c   103.754
_cell.angle_alpha   90.00
_cell.angle_beta   90.00
_cell.angle_gamma   90.00
#
_symmetry.space_group_name_H-M   'P 21 21 21'
#
loop_
_entity.id
_entity.type
_entity.pdbx_description
1 polymer 'putative cytochrome P450'
2 non-polymer 'PROTOPORPHYRIN IX CONTAINING FE'
3 non-polymer 2-HYDROXYNAPHTHOQUINONE
4 water water
#
_entity_poly.entity_id   1
_entity_poly.type   'polypeptide(L)'
_entity_poly.pdbx_seq_one_letter_code
;MTEETISQAVPPVRDWPAVDLPGSDFDPVLTELMREGPVTRISLPNGEGWAWLVTRHDDVRLVTNDPRFGREAVMDRQVT
RLAPHFIPARGAVGFLDPPDHTRLRRSVAAAFTARGVERVRERSRGMLDELVDAMLRAGPPADLTEAVLSPFPIAVICEL
MGVPATDRHSMHTWTQLILSSSHGAEVSERAKNEMNAYFSDLIGLRSDSAGEDVTSLLGAAVGRDEITLSEAVGLAVLLQ
IGGEAVTNNSGQMFHLLLSRPELAERLRSEPEIRPRAIDELLRWIPHRNAVGLSRIALEDVEIKGVRIRAGDAVYVSYLA
ANRDPEVFPDPDRIDFERSPNPHVSFGFGPHYCPGGMLARLESELLVDAVLDRVPGLKLAVAPEDVPFKKGALIRGPEAL
PVTWHHA
;
_entity_poly.pdbx_strand_id   A
#
loop_
_chem_comp.id
_chem_comp.type
_chem_comp.name
_chem_comp.formula
HEM non-polymer 'PROTOPORPHYRIN IX CONTAINING FE' 'C34 H32 Fe N4 O4'
NQ non-polymer 2-HYDROXYNAPHTHOQUINONE 'C10 H6 O3'
#
# COMPACT_ATOMS: atom_id res chain seq x y z
N GLU A 4 -22.65 12.63 -39.61
CA GLU A 4 -21.31 12.35 -39.04
C GLU A 4 -20.48 11.52 -40.01
N THR A 5 -19.32 11.05 -39.57
CA THR A 5 -18.46 10.25 -40.42
C THR A 5 -18.13 8.86 -39.87
N ILE A 6 -16.84 8.56 -39.73
CA ILE A 6 -16.38 7.26 -39.23
C ILE A 6 -15.70 7.40 -37.88
N SER A 7 -16.52 7.30 -36.85
CA SER A 7 -16.12 7.49 -35.48
C SER A 7 -15.53 6.32 -34.67
N GLN A 8 -14.21 6.19 -34.64
CA GLN A 8 -13.65 5.14 -33.78
C GLN A 8 -13.07 5.85 -32.57
N ALA A 9 -13.95 6.14 -31.62
CA ALA A 9 -13.61 6.84 -30.39
C ALA A 9 -13.30 5.88 -29.24
N VAL A 10 -13.33 4.59 -29.51
CA VAL A 10 -13.05 3.61 -28.47
C VAL A 10 -11.59 3.19 -28.54
N PRO A 11 -10.86 3.39 -27.44
CA PRO A 11 -9.43 3.03 -27.37
C PRO A 11 -9.21 1.52 -27.46
N PRO A 12 -8.15 1.10 -28.18
CA PRO A 12 -7.80 -0.31 -28.35
C PRO A 12 -7.34 -0.93 -27.04
N VAL A 13 -7.67 -2.19 -26.82
CA VAL A 13 -7.26 -2.88 -25.62
C VAL A 13 -5.74 -3.06 -25.65
N ARG A 14 -5.07 -2.41 -24.70
CA ARG A 14 -3.61 -2.48 -24.63
C ARG A 14 -3.17 -3.61 -23.71
N ASP A 15 -2.31 -4.48 -24.24
CA ASP A 15 -1.80 -5.60 -23.44
C ASP A 15 -0.83 -5.00 -22.43
N TRP A 16 -0.98 -5.37 -21.17
CA TRP A 16 -0.12 -4.85 -20.09
C TRP A 16 0.43 -6.02 -19.27
N PRO A 17 1.36 -6.80 -19.84
CA PRO A 17 1.98 -7.96 -19.20
C PRO A 17 2.79 -7.66 -17.93
N ALA A 18 2.93 -8.66 -17.07
CA ALA A 18 3.69 -8.50 -15.83
C ALA A 18 5.17 -8.34 -16.20
N VAL A 19 5.74 -7.19 -15.85
CA VAL A 19 7.13 -6.92 -16.17
C VAL A 19 7.91 -6.41 -14.96
N ASP A 20 9.04 -7.06 -14.66
CA ASP A 20 9.87 -6.64 -13.54
C ASP A 20 10.62 -5.36 -13.85
N LEU A 21 10.25 -4.27 -13.17
CA LEU A 21 10.89 -2.97 -13.36
C LEU A 21 12.11 -2.87 -12.45
N PRO A 22 13.09 -2.04 -12.84
CA PRO A 22 14.29 -1.86 -12.02
C PRO A 22 14.12 -0.71 -11.03
N GLY A 23 14.59 -0.90 -9.79
CA GLY A 23 14.48 0.14 -8.78
C GLY A 23 13.14 0.85 -8.75
N SER A 24 13.16 2.17 -8.87
CA SER A 24 11.92 2.96 -8.85
C SER A 24 11.58 3.59 -10.20
N ASP A 25 12.05 2.99 -11.29
CA ASP A 25 11.74 3.52 -12.61
C ASP A 25 10.25 3.40 -12.89
N PHE A 26 9.70 4.36 -13.61
CA PHE A 26 8.28 4.34 -13.93
C PHE A 26 7.95 3.37 -15.07
N ASP A 27 6.84 2.67 -14.93
CA ASP A 27 6.38 1.72 -15.94
C ASP A 27 6.15 2.47 -17.26
N PRO A 28 6.93 2.12 -18.30
CA PRO A 28 6.81 2.76 -19.62
C PRO A 28 5.43 2.54 -20.22
N VAL A 29 4.83 1.40 -19.90
CA VAL A 29 3.49 1.10 -20.41
C VAL A 29 2.49 2.07 -19.81
N LEU A 30 2.60 2.31 -18.50
CA LEU A 30 1.71 3.23 -17.82
C LEU A 30 1.95 4.63 -18.41
N THR A 31 3.20 4.91 -18.73
CA THR A 31 3.56 6.21 -19.32
C THR A 31 2.74 6.32 -20.60
N GLU A 32 2.77 5.26 -21.40
CA GLU A 32 2.03 5.23 -22.66
C GLU A 32 0.53 5.41 -22.45
N LEU A 33 -0.05 4.60 -21.55
CA LEU A 33 -1.48 4.69 -21.27
C LEU A 33 -1.92 6.12 -20.95
N MET A 34 -1.08 6.84 -20.22
CA MET A 34 -1.36 8.20 -19.83
C MET A 34 -1.40 9.18 -21.02
N ARG A 35 -0.48 9.01 -21.97
CA ARG A 35 -0.42 9.86 -23.15
C ARG A 35 -1.57 9.57 -24.12
N GLU A 36 -1.97 8.30 -24.23
CA GLU A 36 -3.04 7.93 -25.15
C GLU A 36 -4.30 8.76 -24.92
N GLY A 37 -4.89 8.66 -23.73
CA GLY A 37 -6.08 9.44 -23.45
C GLY A 37 -6.50 9.38 -21.99
N PRO A 38 -7.55 10.11 -21.60
CA PRO A 38 -7.99 10.09 -20.21
C PRO A 38 -8.50 8.69 -19.89
N VAL A 39 -9.19 8.09 -20.85
CA VAL A 39 -9.75 6.76 -20.70
C VAL A 39 -9.16 5.74 -21.66
N THR A 40 -8.56 4.69 -21.11
CA THR A 40 -7.97 3.63 -21.91
C THR A 40 -8.55 2.27 -21.52
N ARG A 41 -8.08 1.22 -22.18
CA ARG A 41 -8.50 -0.13 -21.89
C ARG A 41 -7.24 -0.99 -21.80
N ILE A 42 -7.23 -1.91 -20.83
CA ILE A 42 -6.04 -2.73 -20.65
C ILE A 42 -6.36 -4.20 -20.50
N SER A 43 -5.36 -5.04 -20.70
CA SER A 43 -5.53 -6.47 -20.52
C SER A 43 -4.35 -6.88 -19.68
N LEU A 44 -4.65 -7.39 -18.48
CA LEU A 44 -3.61 -7.81 -17.55
C LEU A 44 -3.33 -9.32 -17.69
N PRO A 45 -2.22 -9.78 -17.09
CA PRO A 45 -1.83 -11.19 -17.15
C PRO A 45 -2.88 -12.23 -16.77
N ASN A 46 -3.74 -11.90 -15.81
CA ASN A 46 -4.75 -12.87 -15.38
C ASN A 46 -6.20 -12.44 -15.49
N GLY A 47 -7.08 -13.39 -15.22
CA GLY A 47 -8.50 -13.12 -15.33
C GLY A 47 -8.85 -13.12 -16.80
N GLU A 48 -10.02 -12.58 -17.14
CA GLU A 48 -10.47 -12.52 -18.52
C GLU A 48 -11.13 -11.18 -18.81
N GLY A 49 -10.97 -10.69 -20.03
CA GLY A 49 -11.58 -9.42 -20.39
C GLY A 49 -10.60 -8.27 -20.51
N TRP A 50 -11.11 -7.04 -20.55
CA TRP A 50 -10.24 -5.88 -20.69
C TRP A 50 -10.30 -4.75 -19.64
N ALA A 51 -11.44 -4.51 -19.01
CA ALA A 51 -11.54 -3.44 -18.01
C ALA A 51 -10.96 -2.08 -18.44
N TRP A 52 -11.69 -1.00 -18.11
CA TRP A 52 -11.26 0.34 -18.45
C TRP A 52 -10.15 0.77 -17.50
N LEU A 53 -9.48 1.88 -17.84
CA LEU A 53 -8.41 2.42 -17.02
C LEU A 53 -8.45 3.94 -17.02
N VAL A 54 -8.50 4.51 -15.82
CA VAL A 54 -8.52 5.96 -15.63
C VAL A 54 -7.18 6.38 -15.03
N THR A 55 -6.61 7.47 -15.54
CA THR A 55 -5.30 7.93 -15.06
C THR A 55 -5.20 9.36 -14.52
N ARG A 56 -6.11 10.23 -14.93
CA ARG A 56 -6.09 11.63 -14.48
C ARG A 56 -6.47 11.81 -13.03
N HIS A 57 -5.87 12.80 -12.38
CA HIS A 57 -6.15 13.07 -10.97
C HIS A 57 -7.63 13.28 -10.69
N ASP A 58 -8.30 14.12 -11.49
CA ASP A 58 -9.72 14.36 -11.26
C ASP A 58 -10.60 13.13 -11.52
N ASP A 59 -10.34 12.40 -12.60
CA ASP A 59 -11.14 11.21 -12.90
C ASP A 59 -10.94 10.08 -11.88
N VAL A 60 -9.74 9.99 -11.31
CA VAL A 60 -9.47 8.96 -10.32
C VAL A 60 -10.26 9.26 -9.04
N ARG A 61 -10.35 10.54 -8.71
CA ARG A 61 -11.11 10.93 -7.53
C ARG A 61 -12.60 10.64 -7.76
N LEU A 62 -13.07 10.90 -8.98
CA LEU A 62 -14.47 10.64 -9.33
C LEU A 62 -14.82 9.16 -9.18
N VAL A 63 -14.15 8.34 -9.97
CA VAL A 63 -14.39 6.90 -9.95
C VAL A 63 -14.32 6.27 -8.57
N THR A 64 -13.29 6.61 -7.79
CA THR A 64 -13.16 5.99 -6.47
C THR A 64 -14.09 6.51 -5.38
N ASN A 65 -14.74 7.65 -5.61
CA ASN A 65 -15.63 8.23 -4.60
C ASN A 65 -17.05 8.48 -5.12
N ASP A 66 -17.49 7.66 -6.07
CA ASP A 66 -18.82 7.80 -6.66
C ASP A 66 -19.58 6.49 -6.46
N PRO A 67 -20.83 6.57 -5.97
CA PRO A 67 -21.69 5.40 -5.72
C PRO A 67 -21.97 4.55 -6.96
N ARG A 68 -21.82 5.14 -8.14
CA ARG A 68 -22.08 4.41 -9.37
C ARG A 68 -21.06 3.31 -9.68
N PHE A 69 -19.96 3.29 -8.93
CA PHE A 69 -18.93 2.26 -9.11
C PHE A 69 -18.82 1.45 -7.82
N GLY A 70 -19.03 0.14 -7.92
CA GLY A 70 -18.96 -0.69 -6.74
C GLY A 70 -17.91 -1.77 -6.74
N ARG A 71 -17.64 -2.29 -5.54
CA ARG A 71 -16.64 -3.35 -5.33
C ARG A 71 -17.27 -4.73 -5.16
N GLU A 72 -18.38 -4.80 -4.43
CA GLU A 72 -19.05 -6.07 -4.20
C GLU A 72 -19.32 -6.83 -5.48
N ALA A 73 -19.70 -6.12 -6.53
CA ALA A 73 -20.00 -6.74 -7.82
C ALA A 73 -18.78 -7.34 -8.51
N VAL A 74 -17.59 -6.86 -8.16
CA VAL A 74 -16.35 -7.33 -8.77
C VAL A 74 -16.10 -8.83 -8.62
N MET A 75 -16.76 -9.45 -7.65
CA MET A 75 -16.59 -10.88 -7.43
C MET A 75 -17.42 -11.73 -8.39
N ASP A 76 -18.50 -11.14 -8.92
CA ASP A 76 -19.39 -11.83 -9.85
C ASP A 76 -18.70 -12.23 -11.16
N ARG A 77 -17.51 -11.68 -11.40
CA ARG A 77 -16.80 -11.97 -12.62
C ARG A 77 -15.29 -12.11 -12.44
N GLN A 78 -14.62 -12.68 -13.43
CA GLN A 78 -13.17 -12.86 -13.39
C GLN A 78 -12.52 -11.67 -14.10
N VAL A 79 -12.67 -10.49 -13.51
CA VAL A 79 -12.10 -9.27 -14.08
C VAL A 79 -10.62 -9.41 -14.36
N THR A 80 -10.18 -8.91 -15.51
CA THR A 80 -8.76 -9.00 -15.85
C THR A 80 -7.99 -8.35 -14.70
N ARG A 81 -6.87 -8.95 -14.32
CA ARG A 81 -6.05 -8.43 -13.22
C ARG A 81 -4.58 -8.85 -13.28
N LEU A 82 -3.83 -8.37 -12.30
CA LEU A 82 -2.41 -8.64 -12.21
C LEU A 82 -2.11 -9.85 -11.33
N ALA A 83 -2.90 -10.06 -10.28
CA ALA A 83 -2.69 -11.16 -9.35
C ALA A 83 -3.47 -12.42 -9.70
N PRO A 84 -2.81 -13.59 -9.67
CA PRO A 84 -3.44 -14.88 -9.99
C PRO A 84 -4.52 -15.39 -9.04
N HIS A 85 -5.09 -14.49 -8.23
CA HIS A 85 -6.17 -14.84 -7.30
C HIS A 85 -6.48 -13.75 -6.27
N PHE A 86 -7.77 -13.48 -6.07
CA PHE A 86 -8.22 -12.45 -5.13
C PHE A 86 -7.75 -12.72 -3.70
N ILE A 87 -7.02 -11.75 -3.14
CA ILE A 87 -6.47 -11.87 -1.79
C ILE A 87 -7.55 -11.81 -0.72
N PRO A 88 -8.38 -10.74 -0.72
CA PRO A 88 -9.45 -10.61 0.27
C PRO A 88 -10.67 -11.49 -0.02
N ALA A 89 -11.17 -12.14 1.02
CA ALA A 89 -12.31 -13.05 0.90
C ALA A 89 -13.63 -12.36 0.52
N ARG A 90 -14.65 -13.18 0.29
CA ARG A 90 -15.98 -12.71 -0.09
C ARG A 90 -16.71 -12.13 1.12
N GLY A 91 -16.14 -11.07 1.69
CA GLY A 91 -16.73 -10.44 2.85
C GLY A 91 -15.73 -9.48 3.45
N ALA A 92 -14.58 -9.35 2.79
CA ALA A 92 -13.50 -8.46 3.24
C ALA A 92 -13.84 -7.01 2.92
N VAL A 93 -13.17 -6.09 3.61
CA VAL A 93 -13.41 -4.67 3.41
C VAL A 93 -13.30 -4.26 1.96
N GLY A 94 -12.23 -4.70 1.30
CA GLY A 94 -11.99 -4.34 -0.09
C GLY A 94 -13.19 -4.59 -1.00
N PHE A 95 -14.01 -5.57 -0.66
CA PHE A 95 -15.18 -5.90 -1.48
C PHE A 95 -16.50 -5.39 -0.95
N LEU A 96 -16.48 -4.59 0.12
CA LEU A 96 -17.71 -4.05 0.68
C LEU A 96 -17.99 -2.66 0.12
N ASP A 97 -19.26 -2.33 -0.05
CA ASP A 97 -19.64 -1.01 -0.55
C ASP A 97 -20.25 -0.19 0.59
N PRO A 98 -20.07 1.15 0.55
CA PRO A 98 -20.53 2.15 1.51
C PRO A 98 -21.55 1.77 2.58
N PRO A 99 -22.67 1.14 2.20
CA PRO A 99 -23.58 0.80 3.29
C PRO A 99 -22.83 0.04 4.41
N ASP A 100 -22.53 -1.23 4.16
CA ASP A 100 -21.83 -2.08 5.12
C ASP A 100 -20.38 -1.70 5.30
N HIS A 101 -19.75 -1.22 4.24
CA HIS A 101 -18.35 -0.84 4.28
C HIS A 101 -18.07 0.25 5.31
N THR A 102 -18.96 1.23 5.38
CA THR A 102 -18.80 2.34 6.32
C THR A 102 -18.93 1.84 7.75
N ARG A 103 -19.87 0.92 7.96
CA ARG A 103 -20.09 0.34 9.27
C ARG A 103 -18.86 -0.42 9.78
N LEU A 104 -18.32 -1.30 8.95
CA LEU A 104 -17.16 -2.10 9.34
C LEU A 104 -15.92 -1.24 9.64
N ARG A 105 -15.70 -0.20 8.83
CA ARG A 105 -14.54 0.66 9.05
C ARG A 105 -14.60 1.57 10.25
N ARG A 106 -15.82 1.91 10.66
CA ARG A 106 -16.05 2.78 11.81
C ARG A 106 -15.65 2.07 13.11
N SER A 107 -15.80 0.74 13.13
CA SER A 107 -15.49 -0.05 14.32
C SER A 107 -14.04 0.13 14.79
N VAL A 108 -13.12 0.39 13.87
CA VAL A 108 -11.71 0.54 14.22
C VAL A 108 -11.16 1.93 13.91
N ALA A 109 -12.04 2.85 13.54
CA ALA A 109 -11.63 4.21 13.19
C ALA A 109 -10.75 4.91 14.23
N ALA A 110 -11.17 4.84 15.49
CA ALA A 110 -10.46 5.50 16.59
C ALA A 110 -8.97 5.15 16.71
N ALA A 111 -8.59 3.96 16.28
CA ALA A 111 -7.20 3.55 16.38
C ALA A 111 -6.32 4.03 15.23
N PHE A 112 -6.95 4.40 14.11
CA PHE A 112 -6.16 4.79 12.95
C PHE A 112 -6.11 6.26 12.56
N THR A 113 -6.77 7.12 13.33
CA THR A 113 -6.71 8.56 13.05
C THR A 113 -5.34 9.07 13.52
N ALA A 114 -4.99 10.31 13.14
CA ALA A 114 -3.70 10.88 13.54
C ALA A 114 -3.52 10.80 15.06
N ARG A 115 -4.55 11.17 15.81
CA ARG A 115 -4.50 11.16 17.26
C ARG A 115 -4.37 9.73 17.77
N GLY A 116 -5.17 8.83 17.20
CA GLY A 116 -5.12 7.43 17.60
C GLY A 116 -3.75 6.81 17.40
N VAL A 117 -3.15 7.03 16.22
CA VAL A 117 -1.85 6.47 15.92
C VAL A 117 -0.77 7.13 16.78
N GLU A 118 -0.98 8.42 17.05
CA GLU A 118 -0.06 9.21 17.86
C GLU A 118 0.12 8.56 19.23
N ARG A 119 -0.83 7.73 19.63
CA ARG A 119 -0.77 7.03 20.91
C ARG A 119 0.29 5.93 20.97
N VAL A 120 0.73 5.44 19.80
CA VAL A 120 1.75 4.40 19.77
C VAL A 120 3.12 4.95 19.33
N ARG A 121 3.24 6.27 19.24
CA ARG A 121 4.49 6.90 18.84
C ARG A 121 5.68 6.58 19.76
N GLU A 122 5.53 6.80 21.06
CA GLU A 122 6.62 6.55 22.00
C GLU A 122 7.02 5.08 22.00
N ARG A 123 6.01 4.22 22.02
CA ARG A 123 6.24 2.78 22.04
C ARG A 123 7.01 2.35 20.80
N SER A 124 6.59 2.86 19.65
CA SER A 124 7.22 2.54 18.38
C SER A 124 8.65 3.07 18.32
N ARG A 125 8.85 4.31 18.78
CA ARG A 125 10.18 4.91 18.77
C ARG A 125 11.18 4.00 19.49
N GLY A 126 10.76 3.49 20.65
CA GLY A 126 11.62 2.62 21.42
C GLY A 126 11.96 1.33 20.71
N MET A 127 10.98 0.73 20.06
CA MET A 127 11.22 -0.52 19.35
C MET A 127 12.18 -0.25 18.21
N LEU A 128 11.93 0.81 17.44
CA LEU A 128 12.81 1.15 16.33
C LEU A 128 14.25 1.30 16.84
N ASP A 129 14.42 2.02 17.95
CA ASP A 129 15.74 2.25 18.52
C ASP A 129 16.50 0.97 18.87
N GLU A 130 15.78 -0.05 19.35
CA GLU A 130 16.43 -1.31 19.69
C GLU A 130 16.97 -1.95 18.42
N LEU A 131 16.17 -1.92 17.36
CA LEU A 131 16.60 -2.50 16.09
C LEU A 131 17.82 -1.79 15.53
N VAL A 132 17.81 -0.46 15.53
CA VAL A 132 18.93 0.32 15.02
C VAL A 132 20.17 0.10 15.89
N ASP A 133 19.98 0.05 17.20
CA ASP A 133 21.10 -0.17 18.11
C ASP A 133 21.73 -1.52 17.79
N ALA A 134 20.89 -2.51 17.49
CA ALA A 134 21.36 -3.85 17.16
C ALA A 134 22.15 -3.83 15.85
N MET A 135 21.68 -3.04 14.88
CA MET A 135 22.36 -2.95 13.60
C MET A 135 23.78 -2.43 13.81
N LEU A 136 23.87 -1.26 14.45
CA LEU A 136 25.14 -0.59 14.77
C LEU A 136 26.14 -1.52 15.47
N ARG A 137 25.69 -2.14 16.55
CA ARG A 137 26.50 -3.05 17.36
C ARG A 137 27.11 -4.18 16.50
N ALA A 138 26.35 -4.65 15.53
CA ALA A 138 26.81 -5.72 14.66
C ALA A 138 27.92 -5.24 13.71
N GLY A 139 27.68 -4.14 13.00
CA GLY A 139 28.72 -3.66 12.10
C GLY A 139 28.22 -3.27 10.73
N PRO A 140 28.76 -2.18 10.16
CA PRO A 140 28.50 -1.57 8.86
C PRO A 140 27.87 -2.37 7.72
N PRO A 141 28.58 -3.36 7.17
CA PRO A 141 27.91 -4.07 6.08
C PRO A 141 26.57 -4.65 6.56
N ALA A 142 25.49 -3.88 6.41
CA ALA A 142 24.16 -4.33 6.83
C ALA A 142 23.09 -4.21 5.75
N ASP A 143 22.06 -5.05 5.87
CA ASP A 143 20.92 -5.04 4.95
C ASP A 143 19.82 -4.30 5.72
N LEU A 144 19.63 -3.03 5.40
CA LEU A 144 18.64 -2.20 6.10
C LEU A 144 17.25 -2.82 6.16
N THR A 145 16.87 -3.52 5.11
CA THR A 145 15.56 -4.15 5.05
C THR A 145 15.40 -5.25 6.10
N GLU A 146 16.36 -6.16 6.18
CA GLU A 146 16.30 -7.25 7.16
C GLU A 146 16.57 -6.73 8.57
N ALA A 147 17.47 -5.76 8.69
CA ALA A 147 17.83 -5.21 9.99
C ALA A 147 16.80 -4.25 10.60
N VAL A 148 16.06 -3.52 9.78
CA VAL A 148 15.08 -2.59 10.33
C VAL A 148 13.78 -2.34 9.54
N LEU A 149 13.88 -2.09 8.24
CA LEU A 149 12.69 -1.80 7.45
C LEU A 149 11.66 -2.92 7.40
N SER A 150 12.09 -4.14 7.70
CA SER A 150 11.17 -5.29 7.71
C SER A 150 10.63 -5.54 9.11
N PRO A 151 11.52 -5.70 10.11
CA PRO A 151 11.04 -5.94 11.48
C PRO A 151 10.20 -4.83 12.07
N PHE A 152 10.61 -3.57 11.86
CA PHE A 152 9.86 -2.45 12.46
C PHE A 152 8.36 -2.44 12.16
N PRO A 153 7.97 -2.25 10.88
CA PRO A 153 6.54 -2.24 10.55
C PRO A 153 5.78 -3.43 11.10
N ILE A 154 6.41 -4.59 11.10
CA ILE A 154 5.78 -5.79 11.64
C ILE A 154 5.50 -5.63 13.13
N ALA A 155 6.49 -5.18 13.88
CA ALA A 155 6.30 -4.99 15.32
C ALA A 155 5.22 -3.94 15.61
N VAL A 156 5.23 -2.83 14.87
CA VAL A 156 4.23 -1.81 15.09
C VAL A 156 2.78 -2.28 14.82
N ILE A 157 2.55 -2.97 13.70
CA ILE A 157 1.18 -3.39 13.41
C ILE A 157 0.71 -4.46 14.41
N CYS A 158 1.55 -5.45 14.69
CA CYS A 158 1.18 -6.49 15.66
C CYS A 158 0.85 -5.84 16.99
N GLU A 159 1.65 -4.84 17.38
CA GLU A 159 1.40 -4.14 18.64
C GLU A 159 0.03 -3.47 18.64
N LEU A 160 -0.28 -2.79 17.54
CA LEU A 160 -1.56 -2.12 17.42
C LEU A 160 -2.71 -3.12 17.39
N MET A 161 -2.53 -4.20 16.63
CA MET A 161 -3.54 -5.25 16.51
C MET A 161 -3.77 -6.02 17.80
N GLY A 162 -2.73 -6.12 18.62
CA GLY A 162 -2.84 -6.87 19.86
C GLY A 162 -2.27 -8.25 19.68
N VAL A 163 -1.39 -8.41 18.71
CA VAL A 163 -0.75 -9.69 18.43
C VAL A 163 0.49 -9.88 19.29
N PRO A 164 0.56 -10.99 20.05
CA PRO A 164 1.71 -11.27 20.90
C PRO A 164 3.01 -11.20 20.12
N ALA A 165 4.02 -10.56 20.69
CA ALA A 165 5.33 -10.42 20.04
C ALA A 165 5.89 -11.78 19.61
N THR A 166 5.46 -12.85 20.27
CA THR A 166 5.94 -14.18 19.92
C THR A 166 5.28 -14.73 18.66
N ASP A 167 4.22 -14.08 18.19
CA ASP A 167 3.53 -14.54 16.99
C ASP A 167 3.85 -13.69 15.75
N ARG A 168 4.78 -12.75 15.90
CA ARG A 168 5.18 -11.90 14.79
C ARG A 168 5.71 -12.68 13.60
N HIS A 169 6.56 -13.68 13.86
CA HIS A 169 7.12 -14.49 12.79
C HIS A 169 6.01 -15.13 11.94
N SER A 170 4.93 -15.55 12.60
CA SER A 170 3.82 -16.17 11.92
C SER A 170 3.08 -15.20 10.99
N MET A 171 2.85 -13.97 11.46
CA MET A 171 2.15 -12.98 10.65
C MET A 171 2.91 -12.77 9.35
N HIS A 172 4.22 -12.56 9.48
CA HIS A 172 5.10 -12.34 8.34
C HIS A 172 5.09 -13.53 7.40
N THR A 173 5.20 -14.74 7.96
CA THR A 173 5.20 -15.93 7.12
C THR A 173 3.88 -15.98 6.35
N TRP A 174 2.75 -15.92 7.05
CA TRP A 174 1.44 -15.95 6.38
C TRP A 174 1.27 -14.83 5.37
N THR A 175 1.57 -13.59 5.76
CA THR A 175 1.45 -12.46 4.84
C THR A 175 2.24 -12.78 3.56
N GLN A 176 3.47 -13.27 3.74
CA GLN A 176 4.34 -13.63 2.63
C GLN A 176 3.69 -14.62 1.66
N LEU A 177 3.19 -15.71 2.20
CA LEU A 177 2.53 -16.75 1.42
C LEU A 177 1.25 -16.25 0.77
N ILE A 178 0.44 -15.52 1.53
CA ILE A 178 -0.81 -14.97 1.02
C ILE A 178 -0.57 -14.06 -0.18
N LEU A 179 0.52 -13.30 -0.15
CA LEU A 179 0.84 -12.41 -1.25
C LEU A 179 1.82 -13.09 -2.18
N SER A 180 2.13 -14.37 -1.94
CA SER A 180 3.08 -15.12 -2.76
C SER A 180 2.78 -15.00 -4.25
N SER A 181 1.86 -14.10 -4.57
CA SER A 181 1.54 -13.79 -5.94
C SER A 181 0.97 -14.83 -6.90
N SER A 182 1.76 -15.83 -7.31
CA SER A 182 1.24 -16.71 -8.35
C SER A 182 1.35 -18.25 -8.34
N HIS A 183 0.64 -18.77 -9.34
CA HIS A 183 0.44 -20.15 -9.73
C HIS A 183 -1.03 -20.15 -10.03
N GLY A 184 -1.84 -20.78 -9.19
CA GLY A 184 -3.27 -20.82 -9.36
C GLY A 184 -3.91 -21.76 -8.33
N ALA A 185 -3.45 -21.69 -7.07
CA ALA A 185 -3.99 -22.59 -6.04
C ALA A 185 -3.99 -22.19 -4.55
N GLU A 186 -3.72 -23.17 -3.69
CA GLU A 186 -3.80 -22.99 -2.24
C GLU A 186 -2.61 -22.83 -1.30
N VAL A 187 -1.45 -22.35 -1.74
CA VAL A 187 -0.42 -22.14 -0.73
C VAL A 187 -0.97 -20.90 -0.02
N SER A 188 -1.44 -19.94 -0.81
CA SER A 188 -2.00 -18.71 -0.27
C SER A 188 -3.36 -18.99 0.37
N GLU A 189 -4.13 -19.91 -0.21
CA GLU A 189 -5.44 -20.22 0.35
C GLU A 189 -5.30 -20.81 1.76
N ARG A 190 -4.41 -21.79 1.94
CA ARG A 190 -4.20 -22.38 3.25
C ARG A 190 -3.66 -21.33 4.21
N ALA A 191 -2.74 -20.51 3.72
CA ALA A 191 -2.16 -19.43 4.52
C ALA A 191 -3.29 -18.52 4.99
N LYS A 192 -4.22 -18.22 4.10
CA LYS A 192 -5.36 -17.37 4.45
C LYS A 192 -6.24 -18.02 5.53
N ASN A 193 -6.54 -19.32 5.37
CA ASN A 193 -7.36 -20.00 6.36
C ASN A 193 -6.68 -20.01 7.72
N GLU A 194 -5.36 -20.22 7.72
CA GLU A 194 -4.62 -20.26 8.97
C GLU A 194 -4.64 -18.90 9.66
N MET A 195 -4.45 -17.82 8.91
CA MET A 195 -4.46 -16.51 9.51
C MET A 195 -5.88 -16.11 9.91
N ASN A 196 -6.86 -16.53 9.11
CA ASN A 196 -8.25 -16.23 9.41
C ASN A 196 -8.54 -16.90 10.75
N ALA A 197 -8.10 -18.15 10.86
CA ALA A 197 -8.30 -18.93 12.08
C ALA A 197 -7.59 -18.24 13.24
N TYR A 198 -6.40 -17.73 12.98
CA TYR A 198 -5.63 -17.05 14.01
C TYR A 198 -6.41 -15.85 14.57
N PHE A 199 -6.84 -14.95 13.69
CA PHE A 199 -7.55 -13.77 14.15
C PHE A 199 -8.95 -14.07 14.67
N SER A 200 -9.58 -15.12 14.15
CA SER A 200 -10.90 -15.45 14.62
C SER A 200 -10.79 -15.84 16.09
N ASP A 201 -9.73 -16.58 16.44
CA ASP A 201 -9.53 -17.00 17.82
C ASP A 201 -9.13 -15.83 18.71
N LEU A 202 -8.19 -15.00 18.24
CA LEU A 202 -7.73 -13.85 19.00
C LEU A 202 -8.91 -12.90 19.29
N ILE A 203 -9.75 -12.69 18.28
CA ILE A 203 -10.89 -11.81 18.45
C ILE A 203 -11.82 -12.41 19.50
N GLY A 204 -11.82 -13.73 19.60
CA GLY A 204 -12.66 -14.40 20.58
C GLY A 204 -12.00 -14.44 21.94
N LEU A 205 -10.70 -14.71 21.98
CA LEU A 205 -9.95 -14.80 23.22
C LEU A 205 -10.03 -13.55 24.09
N ARG A 206 -11.11 -13.45 24.87
CA ARG A 206 -11.35 -12.34 25.78
C ARG A 206 -11.09 -10.96 25.18
N SER A 207 -10.54 -10.93 23.97
CA SER A 207 -10.25 -9.68 23.31
C SER A 207 -11.57 -9.06 22.89
N ASP A 208 -12.65 -9.59 23.46
CA ASP A 208 -13.99 -9.11 23.22
C ASP A 208 -14.48 -8.40 24.48
N SER A 209 -13.51 -7.99 25.30
CA SER A 209 -13.78 -7.31 26.56
C SER A 209 -13.31 -5.85 26.50
N ALA A 210 -12.20 -5.55 27.19
CA ALA A 210 -11.68 -4.19 27.23
C ALA A 210 -10.20 -4.13 26.87
N GLY A 211 -9.85 -3.14 26.04
CA GLY A 211 -8.48 -2.95 25.60
C GLY A 211 -8.48 -2.02 24.41
N GLU A 212 -7.38 -1.29 24.20
CA GLU A 212 -7.29 -0.35 23.08
C GLU A 212 -6.88 -0.98 21.75
N ASP A 213 -6.17 -2.10 21.79
CA ASP A 213 -5.74 -2.74 20.55
C ASP A 213 -6.91 -2.93 19.59
N VAL A 214 -6.59 -3.12 18.31
CA VAL A 214 -7.61 -3.27 17.29
C VAL A 214 -8.45 -4.54 17.44
N THR A 215 -7.83 -5.66 17.82
CA THR A 215 -8.59 -6.90 17.97
C THR A 215 -9.62 -6.77 19.08
N SER A 216 -9.30 -6.01 20.13
CA SER A 216 -10.24 -5.81 21.24
C SER A 216 -11.39 -4.96 20.73
N LEU A 217 -11.07 -3.95 19.95
CA LEU A 217 -12.09 -3.09 19.39
C LEU A 217 -13.02 -3.95 18.54
N LEU A 218 -12.43 -4.82 17.72
CA LEU A 218 -13.19 -5.71 16.85
C LEU A 218 -14.00 -6.70 17.67
N GLY A 219 -13.42 -7.17 18.77
CA GLY A 219 -14.12 -8.11 19.62
C GLY A 219 -15.31 -7.47 20.32
N ALA A 220 -15.13 -6.24 20.78
CA ALA A 220 -16.22 -5.54 21.46
C ALA A 220 -17.33 -5.26 20.44
N ALA A 221 -16.92 -4.91 19.23
CA ALA A 221 -17.87 -4.61 18.15
C ALA A 221 -18.66 -5.85 17.77
N VAL A 222 -17.99 -7.00 17.73
CA VAL A 222 -18.68 -8.24 17.40
C VAL A 222 -19.66 -8.55 18.53
N GLY A 223 -19.24 -8.31 19.76
CA GLY A 223 -20.10 -8.58 20.90
C GLY A 223 -21.41 -7.78 20.94
N ARG A 224 -21.39 -6.56 20.41
CA ARG A 224 -22.61 -5.75 20.43
C ARG A 224 -23.30 -5.74 19.07
N ASP A 225 -23.04 -6.78 18.29
CA ASP A 225 -23.63 -6.98 16.98
C ASP A 225 -23.43 -5.85 15.96
N GLU A 226 -22.40 -5.02 16.17
CA GLU A 226 -22.10 -3.92 15.27
C GLU A 226 -21.54 -4.48 13.96
N ILE A 227 -20.69 -5.49 14.06
CA ILE A 227 -20.11 -6.14 12.90
C ILE A 227 -20.10 -7.64 13.17
N THR A 228 -20.15 -8.44 12.11
CA THR A 228 -20.16 -9.90 12.26
C THR A 228 -18.72 -10.37 12.38
N LEU A 229 -18.54 -11.60 12.84
CA LEU A 229 -17.20 -12.15 13.00
C LEU A 229 -16.45 -12.23 11.67
N SER A 230 -17.15 -12.53 10.58
CA SER A 230 -16.53 -12.60 9.26
C SER A 230 -15.91 -11.26 8.88
N GLU A 231 -16.72 -10.21 9.00
CA GLU A 231 -16.28 -8.88 8.65
C GLU A 231 -15.08 -8.45 9.50
N ALA A 232 -15.12 -8.82 10.78
CA ALA A 232 -14.04 -8.48 11.72
C ALA A 232 -12.72 -9.18 11.35
N VAL A 233 -12.79 -10.49 11.12
CA VAL A 233 -11.60 -11.24 10.75
C VAL A 233 -11.07 -10.72 9.39
N GLY A 234 -11.97 -10.53 8.43
CA GLY A 234 -11.56 -10.03 7.13
C GLY A 234 -10.76 -8.74 7.24
N LEU A 235 -11.25 -7.81 8.07
CA LEU A 235 -10.59 -6.54 8.25
C LEU A 235 -9.28 -6.72 9.02
N ALA A 236 -9.32 -7.48 10.11
CA ALA A 236 -8.13 -7.73 10.93
C ALA A 236 -7.00 -8.32 10.08
N VAL A 237 -7.37 -9.19 9.13
CA VAL A 237 -6.40 -9.84 8.26
C VAL A 237 -5.76 -8.84 7.28
N LEU A 238 -6.57 -8.00 6.66
CA LEU A 238 -6.03 -7.03 5.70
C LEU A 238 -5.19 -5.94 6.36
N LEU A 239 -5.51 -5.59 7.60
CA LEU A 239 -4.75 -4.57 8.33
C LEU A 239 -3.35 -5.13 8.61
N GLN A 240 -3.32 -6.35 9.16
CA GLN A 240 -2.09 -7.04 9.46
C GLN A 240 -1.21 -7.10 8.21
N ILE A 241 -1.81 -7.51 7.09
CA ILE A 241 -1.08 -7.61 5.83
C ILE A 241 -0.62 -6.25 5.31
N GLY A 242 -1.55 -5.29 5.27
CA GLY A 242 -1.21 -3.97 4.78
C GLY A 242 -0.12 -3.36 5.63
N GLY A 243 -0.11 -3.76 6.90
CA GLY A 243 0.88 -3.27 7.84
C GLY A 243 2.29 -3.38 7.30
N GLU A 244 2.57 -4.47 6.59
CA GLU A 244 3.90 -4.68 6.02
C GLU A 244 4.20 -3.88 4.75
N ALA A 245 3.21 -3.14 4.24
CA ALA A 245 3.39 -2.33 3.04
C ALA A 245 4.47 -1.26 3.23
N VAL A 246 4.66 -0.85 4.49
CA VAL A 246 5.66 0.17 4.82
C VAL A 246 7.09 -0.27 4.53
N THR A 247 7.40 -1.54 4.77
CA THR A 247 8.72 -2.08 4.52
C THR A 247 9.17 -1.75 3.09
N ASN A 248 8.31 -2.11 2.14
CA ASN A 248 8.57 -1.90 0.72
C ASN A 248 8.64 -0.42 0.36
N ASN A 249 7.71 0.38 0.88
CA ASN A 249 7.67 1.81 0.57
C ASN A 249 8.88 2.51 1.16
N SER A 250 9.17 2.25 2.44
CA SER A 250 10.32 2.90 3.05
C SER A 250 11.62 2.42 2.37
N GLY A 251 11.59 1.20 1.84
CA GLY A 251 12.76 0.68 1.16
C GLY A 251 13.04 1.53 -0.07
N GLN A 252 11.98 1.86 -0.82
CA GLN A 252 12.19 2.71 -1.98
C GLN A 252 12.62 4.09 -1.48
N MET A 253 12.01 4.53 -0.39
CA MET A 253 12.35 5.84 0.19
C MET A 253 13.86 5.98 0.45
N PHE A 254 14.43 4.98 1.13
CA PHE A 254 15.85 5.00 1.45
C PHE A 254 16.75 4.72 0.25
N HIS A 255 16.37 3.79 -0.59
CA HIS A 255 17.17 3.51 -1.78
C HIS A 255 17.34 4.81 -2.55
N LEU A 256 16.26 5.58 -2.63
CA LEU A 256 16.24 6.87 -3.32
C LEU A 256 17.03 7.95 -2.58
N LEU A 257 16.83 8.06 -1.27
CA LEU A 257 17.56 9.06 -0.51
C LEU A 257 19.07 8.88 -0.60
N LEU A 258 19.53 7.64 -0.51
CA LEU A 258 20.96 7.32 -0.59
C LEU A 258 21.45 7.27 -2.04
N SER A 259 20.50 7.18 -2.97
CA SER A 259 20.81 7.14 -4.40
C SER A 259 21.07 8.55 -4.91
N ARG A 260 20.33 9.50 -4.36
CA ARG A 260 20.44 10.91 -4.70
C ARG A 260 20.87 11.64 -3.45
N PRO A 261 22.18 11.61 -3.14
CA PRO A 261 22.79 12.24 -1.97
C PRO A 261 22.29 13.64 -1.64
N GLU A 262 21.80 14.37 -2.64
CA GLU A 262 21.31 15.72 -2.39
C GLU A 262 19.99 15.69 -1.63
N LEU A 263 19.27 14.58 -1.72
CA LEU A 263 18.00 14.46 -1.01
C LEU A 263 18.25 14.10 0.46
N ALA A 264 19.17 13.17 0.68
CA ALA A 264 19.50 12.75 2.03
C ALA A 264 20.05 13.93 2.81
N GLU A 265 20.97 14.68 2.18
CA GLU A 265 21.58 15.84 2.81
C GLU A 265 20.56 16.90 3.24
N ARG A 266 19.56 17.15 2.40
CA ARG A 266 18.55 18.14 2.74
C ARG A 266 17.79 17.69 4.00
N LEU A 267 17.52 16.39 4.11
CA LEU A 267 16.80 15.88 5.27
C LEU A 267 17.65 15.86 6.54
N ARG A 268 18.95 15.62 6.38
CA ARG A 268 19.85 15.61 7.54
C ARG A 268 20.01 17.01 8.12
N SER A 269 20.26 17.98 7.25
CA SER A 269 20.48 19.36 7.66
C SER A 269 19.23 20.19 7.91
N GLU A 270 18.07 19.66 7.55
CA GLU A 270 16.83 20.40 7.73
C GLU A 270 15.71 19.46 8.19
N PRO A 271 15.79 18.99 9.44
CA PRO A 271 14.78 18.08 10.01
C PRO A 271 13.32 18.53 10.01
N GLU A 272 13.06 19.82 10.22
CA GLU A 272 11.68 20.30 10.26
C GLU A 272 10.89 20.00 8.99
N ILE A 273 11.57 19.94 7.85
CA ILE A 273 10.90 19.67 6.59
C ILE A 273 10.68 18.19 6.28
N ARG A 274 11.12 17.32 7.18
CA ARG A 274 10.96 15.88 6.99
C ARG A 274 9.51 15.49 6.69
N PRO A 275 8.53 15.99 7.48
CA PRO A 275 7.14 15.63 7.21
C PRO A 275 6.75 15.87 5.74
N ARG A 276 6.98 17.09 5.26
CA ARG A 276 6.64 17.43 3.88
C ARG A 276 7.41 16.59 2.86
N ALA A 277 8.69 16.36 3.12
CA ALA A 277 9.52 15.58 2.20
C ALA A 277 8.98 14.16 2.08
N ILE A 278 8.56 13.60 3.21
CA ILE A 278 8.02 12.25 3.23
C ILE A 278 6.76 12.18 2.38
N ASP A 279 5.92 13.23 2.44
CA ASP A 279 4.71 13.25 1.63
C ASP A 279 5.04 13.37 0.15
N GLU A 280 6.12 14.09 -0.16
CA GLU A 280 6.54 14.24 -1.55
C GLU A 280 7.06 12.90 -2.02
N LEU A 281 7.84 12.24 -1.16
CA LEU A 281 8.38 10.93 -1.50
C LEU A 281 7.24 9.91 -1.67
N LEU A 282 6.21 10.01 -0.84
CA LEU A 282 5.09 9.08 -0.93
C LEU A 282 4.32 9.29 -2.23
N ARG A 283 4.25 10.54 -2.68
CA ARG A 283 3.56 10.83 -3.93
C ARG A 283 4.30 10.21 -5.10
N TRP A 284 5.60 10.46 -5.14
CA TRP A 284 6.46 10.00 -6.24
C TRP A 284 6.72 8.51 -6.34
N ILE A 285 7.12 7.90 -5.23
CA ILE A 285 7.44 6.48 -5.22
C ILE A 285 6.41 5.55 -5.87
N PRO A 286 6.82 4.80 -6.91
CA PRO A 286 5.91 3.88 -7.58
C PRO A 286 5.77 2.67 -6.65
N HIS A 287 4.79 2.77 -5.75
CA HIS A 287 4.51 1.76 -4.74
C HIS A 287 4.23 0.35 -5.22
N ARG A 288 3.37 0.21 -6.25
CA ARG A 288 3.00 -1.11 -6.75
C ARG A 288 3.24 -1.29 -8.25
N ASN A 289 2.95 -2.50 -8.73
CA ASN A 289 3.05 -2.85 -10.14
C ASN A 289 1.63 -2.75 -10.67
N ALA A 290 1.49 -2.29 -11.91
CA ALA A 290 0.17 -2.19 -12.53
C ALA A 290 -0.86 -1.52 -11.61
N VAL A 291 -2.01 -2.16 -11.46
CA VAL A 291 -3.08 -1.63 -10.64
C VAL A 291 -3.65 -2.71 -9.70
N GLY A 292 -4.42 -2.29 -8.71
CA GLY A 292 -4.96 -3.24 -7.75
C GLY A 292 -6.33 -3.88 -7.97
N LEU A 293 -7.29 -3.48 -7.15
CA LEU A 293 -8.65 -4.02 -7.24
C LEU A 293 -9.57 -3.06 -7.98
N SER A 294 -10.20 -3.54 -9.03
CA SER A 294 -11.11 -2.74 -9.84
C SER A 294 -12.46 -2.46 -9.20
N ARG A 295 -13.26 -1.70 -9.93
CA ARG A 295 -14.61 -1.37 -9.52
C ARG A 295 -15.51 -1.64 -10.73
N ILE A 296 -16.77 -1.98 -10.48
CA ILE A 296 -17.70 -2.25 -11.56
C ILE A 296 -18.73 -1.12 -11.71
N ALA A 297 -18.95 -0.66 -12.94
CA ALA A 297 -19.94 0.38 -13.15
C ALA A 297 -21.30 -0.24 -12.86
N LEU A 298 -21.99 0.30 -11.86
CA LEU A 298 -23.31 -0.21 -11.49
C LEU A 298 -24.38 0.33 -12.42
N GLU A 299 -23.99 1.30 -13.25
CA GLU A 299 -24.89 1.90 -14.22
C GLU A 299 -24.01 2.63 -15.21
N ASP A 300 -24.54 2.91 -16.39
CA ASP A 300 -23.79 3.61 -17.42
C ASP A 300 -23.30 4.94 -16.87
N VAL A 301 -22.05 5.29 -17.17
CA VAL A 301 -21.46 6.55 -16.72
C VAL A 301 -20.50 7.09 -17.77
N GLU A 302 -20.72 8.33 -18.19
CA GLU A 302 -19.89 8.94 -19.21
C GLU A 302 -18.73 9.71 -18.58
N ILE A 303 -17.51 9.42 -19.04
CA ILE A 303 -16.31 10.09 -18.54
C ILE A 303 -15.44 10.58 -19.69
N LYS A 304 -15.16 11.88 -19.71
CA LYS A 304 -14.34 12.47 -20.76
C LYS A 304 -14.71 11.93 -22.15
N GLY A 305 -16.00 11.88 -22.45
CA GLY A 305 -16.44 11.40 -23.74
C GLY A 305 -16.56 9.90 -23.89
N VAL A 306 -16.13 9.14 -22.89
CA VAL A 306 -16.22 7.68 -22.95
C VAL A 306 -17.39 7.16 -22.12
N ARG A 307 -18.14 6.23 -22.68
CA ARG A 307 -19.28 5.66 -21.97
C ARG A 307 -18.91 4.34 -21.31
N ILE A 308 -18.82 4.35 -19.99
CA ILE A 308 -18.52 3.14 -19.23
C ILE A 308 -19.85 2.45 -19.00
N ARG A 309 -20.12 1.40 -19.78
CA ARG A 309 -21.37 0.66 -19.68
C ARG A 309 -21.50 -0.13 -18.39
N ALA A 310 -22.71 -0.16 -17.83
CA ALA A 310 -22.96 -0.91 -16.62
C ALA A 310 -22.41 -2.32 -16.83
N GLY A 311 -21.75 -2.87 -15.82
CA GLY A 311 -21.19 -4.20 -15.95
C GLY A 311 -19.72 -4.18 -16.33
N ASP A 312 -19.26 -3.03 -16.80
CA ASP A 312 -17.86 -2.86 -17.19
C ASP A 312 -16.99 -2.62 -15.96
N ALA A 313 -15.82 -3.27 -15.94
CA ALA A 313 -14.87 -3.11 -14.85
C ALA A 313 -14.04 -1.86 -15.12
N VAL A 314 -13.71 -1.12 -14.07
CA VAL A 314 -12.93 0.10 -14.20
C VAL A 314 -11.77 0.13 -13.19
N TYR A 315 -10.58 0.46 -13.70
CA TYR A 315 -9.39 0.55 -12.87
C TYR A 315 -8.93 1.99 -12.77
N VAL A 316 -8.33 2.34 -11.63
CA VAL A 316 -7.77 3.66 -11.44
C VAL A 316 -6.31 3.41 -11.12
N SER A 317 -5.45 4.33 -11.53
CA SER A 317 -4.03 4.23 -11.24
C SER A 317 -3.66 5.43 -10.40
N TYR A 318 -3.42 5.19 -9.11
CA TYR A 318 -3.04 6.25 -8.20
C TYR A 318 -1.64 6.74 -8.54
N LEU A 319 -0.81 5.83 -9.04
CA LEU A 319 0.55 6.18 -9.41
C LEU A 319 0.50 7.19 -10.57
N ALA A 320 -0.35 6.91 -11.56
CA ALA A 320 -0.49 7.79 -12.71
C ALA A 320 -1.08 9.13 -12.27
N ALA A 321 -2.03 9.07 -11.34
CA ALA A 321 -2.69 10.28 -10.83
C ALA A 321 -1.71 11.17 -10.09
N ASN A 322 -0.79 10.58 -9.33
CA ASN A 322 0.22 11.35 -8.59
C ASN A 322 1.24 11.95 -9.56
N ARG A 323 1.13 11.60 -10.84
CA ARG A 323 2.04 12.11 -11.86
C ARG A 323 1.25 12.97 -12.86
N ASP A 324 0.14 13.54 -12.40
CA ASP A 324 -0.71 14.39 -13.24
C ASP A 324 -0.10 15.78 -13.41
N PRO A 325 0.42 16.08 -14.61
CA PRO A 325 1.05 17.37 -14.97
C PRO A 325 0.28 18.60 -14.52
N GLU A 326 -1.02 18.58 -14.71
CA GLU A 326 -1.87 19.71 -14.34
C GLU A 326 -2.00 19.91 -12.84
N VAL A 327 -1.87 18.83 -12.08
CA VAL A 327 -2.00 18.88 -10.63
C VAL A 327 -0.64 18.95 -9.95
N PHE A 328 0.36 18.35 -10.58
CA PHE A 328 1.72 18.34 -10.05
C PHE A 328 2.70 18.73 -11.14
N PRO A 329 2.85 20.05 -11.40
CA PRO A 329 3.77 20.57 -12.43
C PRO A 329 5.17 19.98 -12.30
N ASP A 330 5.76 19.60 -13.43
CA ASP A 330 7.08 18.99 -13.43
C ASP A 330 6.96 17.76 -12.53
N PRO A 331 5.97 16.89 -12.83
CA PRO A 331 5.58 15.64 -12.19
C PRO A 331 6.69 14.70 -11.72
N ASP A 332 7.63 14.41 -12.61
CA ASP A 332 8.70 13.48 -12.29
C ASP A 332 9.78 14.03 -11.37
N ARG A 333 9.68 15.31 -11.02
CA ARG A 333 10.66 15.93 -10.16
C ARG A 333 10.27 15.83 -8.69
N ILE A 334 11.20 15.36 -7.87
CA ILE A 334 10.96 15.24 -6.43
C ILE A 334 11.33 16.56 -5.75
N ASP A 335 10.33 17.40 -5.51
CA ASP A 335 10.54 18.70 -4.88
C ASP A 335 9.99 18.68 -3.46
N PHE A 336 10.87 18.72 -2.46
CA PHE A 336 10.46 18.68 -1.07
C PHE A 336 9.57 19.86 -0.66
N GLU A 337 9.50 20.89 -1.50
CA GLU A 337 8.64 22.03 -1.19
C GLU A 337 7.22 21.62 -1.60
N ARG A 338 6.96 21.58 -2.91
CA ARG A 338 5.67 21.18 -3.46
C ARG A 338 4.48 21.82 -2.73
N SER A 339 3.83 22.77 -3.40
CA SER A 339 2.70 23.50 -2.81
C SER A 339 1.42 22.73 -2.46
N PRO A 340 0.47 22.57 -3.41
CA PRO A 340 -0.73 21.82 -2.99
C PRO A 340 -0.48 20.37 -2.60
N ASN A 341 0.33 19.69 -3.40
CA ASN A 341 0.64 18.27 -3.22
C ASN A 341 -0.45 17.36 -2.62
N PRO A 342 -1.59 17.25 -3.32
CA PRO A 342 -2.71 16.41 -2.86
C PRO A 342 -2.58 15.02 -3.48
N HIS A 343 -1.53 14.28 -3.11
CA HIS A 343 -1.33 12.95 -3.68
C HIS A 343 -2.39 11.93 -3.25
N VAL A 344 -2.52 10.87 -4.03
CA VAL A 344 -3.50 9.83 -3.74
C VAL A 344 -2.84 8.46 -3.53
N SER A 345 -1.62 8.48 -3.01
CA SER A 345 -0.88 7.26 -2.76
C SER A 345 -1.59 6.35 -1.76
N PHE A 346 -2.39 6.95 -0.88
CA PHE A 346 -3.15 6.21 0.12
C PHE A 346 -4.58 5.93 -0.32
N GLY A 347 -4.85 6.18 -1.60
CA GLY A 347 -6.18 5.93 -2.13
C GLY A 347 -7.07 7.15 -2.01
N PHE A 348 -8.35 6.96 -2.32
CA PHE A 348 -9.31 8.04 -2.24
C PHE A 348 -10.70 7.41 -2.17
N GLY A 349 -11.66 8.14 -1.61
CA GLY A 349 -13.00 7.60 -1.51
C GLY A 349 -13.13 6.71 -0.29
N PRO A 350 -14.28 6.05 -0.11
CA PRO A 350 -14.46 5.20 1.07
C PRO A 350 -13.37 4.14 1.33
N HIS A 351 -12.78 3.60 0.28
CA HIS A 351 -11.74 2.58 0.45
C HIS A 351 -10.33 3.15 0.71
N TYR A 352 -10.24 4.47 0.96
CA TYR A 352 -8.95 5.09 1.23
C TYR A 352 -8.28 4.32 2.36
N CYS A 353 -6.95 4.26 2.33
CA CYS A 353 -6.18 3.51 3.33
C CYS A 353 -6.33 3.93 4.78
N PRO A 354 -6.82 3.01 5.63
CA PRO A 354 -6.98 3.32 7.05
C PRO A 354 -5.62 3.39 7.75
N GLY A 355 -4.58 2.90 7.07
CA GLY A 355 -3.24 2.91 7.64
C GLY A 355 -2.41 4.10 7.19
N GLY A 356 -3.07 5.05 6.50
CA GLY A 356 -2.39 6.23 6.00
C GLY A 356 -1.59 7.02 7.02
N MET A 357 -2.18 7.29 8.17
CA MET A 357 -1.48 8.04 9.21
C MET A 357 -0.45 7.18 9.92
N LEU A 358 -0.74 5.91 10.11
CA LEU A 358 0.22 5.01 10.76
C LEU A 358 1.50 4.92 9.93
N ALA A 359 1.32 4.74 8.64
CA ALA A 359 2.43 4.65 7.68
C ALA A 359 3.26 5.95 7.67
N ARG A 360 2.57 7.08 7.82
CA ARG A 360 3.26 8.37 7.83
C ARG A 360 4.09 8.43 9.12
N LEU A 361 3.50 7.98 10.22
CA LEU A 361 4.21 7.97 11.50
C LEU A 361 5.42 7.05 11.41
N GLU A 362 5.21 5.85 10.87
CA GLU A 362 6.30 4.88 10.74
C GLU A 362 7.41 5.45 9.85
N SER A 363 7.03 6.07 8.74
CA SER A 363 8.00 6.65 7.82
C SER A 363 8.77 7.75 8.53
N GLU A 364 8.07 8.49 9.39
CA GLU A 364 8.63 9.59 10.17
C GLU A 364 9.74 9.08 11.08
N LEU A 365 9.40 8.09 11.91
CA LEU A 365 10.37 7.53 12.84
C LEU A 365 11.56 6.91 12.11
N LEU A 366 11.29 6.22 11.00
CA LEU A 366 12.36 5.58 10.22
C LEU A 366 13.37 6.59 9.72
N VAL A 367 12.89 7.65 9.07
CA VAL A 367 13.79 8.68 8.55
C VAL A 367 14.60 9.29 9.69
N ASP A 368 13.94 9.59 10.81
CA ASP A 368 14.59 10.15 12.00
C ASP A 368 15.74 9.28 12.50
N ALA A 369 15.38 8.08 12.96
CA ALA A 369 16.35 7.13 13.52
C ALA A 369 17.49 6.80 12.58
N VAL A 370 17.16 6.57 11.31
CA VAL A 370 18.16 6.21 10.32
C VAL A 370 19.12 7.33 9.92
N LEU A 371 18.61 8.55 9.74
CA LEU A 371 19.46 9.66 9.36
C LEU A 371 20.16 10.33 10.54
N ASP A 372 19.59 10.20 11.72
CA ASP A 372 20.16 10.84 12.90
C ASP A 372 21.03 9.95 13.77
N ARG A 373 20.91 8.64 13.62
CA ARG A 373 21.70 7.74 14.44
C ARG A 373 22.76 6.92 13.71
N VAL A 374 22.79 6.98 12.39
CA VAL A 374 23.77 6.23 11.63
C VAL A 374 24.67 7.17 10.82
N PRO A 375 25.73 7.70 11.46
CA PRO A 375 26.70 8.62 10.85
C PRO A 375 27.21 8.18 9.48
N GLY A 376 26.98 9.02 8.48
CA GLY A 376 27.45 8.71 7.13
C GLY A 376 26.83 7.47 6.49
N LEU A 377 25.57 7.19 6.81
CA LEU A 377 24.91 6.04 6.24
C LEU A 377 24.87 6.18 4.72
N LYS A 378 25.24 5.10 4.02
CA LYS A 378 25.24 5.12 2.56
C LYS A 378 25.08 3.73 1.98
N LEU A 379 24.78 3.65 0.69
CA LEU A 379 24.63 2.35 0.04
C LEU A 379 26.01 1.68 -0.04
N ALA A 380 26.06 0.38 0.21
CA ALA A 380 27.32 -0.36 0.16
C ALA A 380 27.62 -0.75 -1.28
N VAL A 381 26.65 -0.55 -2.16
CA VAL A 381 26.81 -0.89 -3.58
C VAL A 381 26.21 0.20 -4.46
N ALA A 382 26.53 0.17 -5.75
CA ALA A 382 25.99 1.13 -6.68
C ALA A 382 24.49 0.98 -6.69
N PRO A 383 23.75 2.11 -6.81
CA PRO A 383 22.29 2.12 -6.81
C PRO A 383 21.69 0.99 -7.65
N GLU A 384 22.23 0.77 -8.84
CA GLU A 384 21.74 -0.25 -9.76
C GLU A 384 22.01 -1.69 -9.34
N ASP A 385 22.92 -1.89 -8.38
CA ASP A 385 23.25 -3.23 -7.94
C ASP A 385 22.37 -3.71 -6.78
N VAL A 386 21.39 -2.88 -6.42
CA VAL A 386 20.47 -3.24 -5.36
C VAL A 386 19.33 -4.02 -6.02
N PRO A 387 19.07 -5.25 -5.55
CA PRO A 387 17.99 -6.05 -6.12
C PRO A 387 16.59 -5.63 -5.67
N PHE A 388 15.64 -5.66 -6.59
CA PHE A 388 14.26 -5.31 -6.29
C PHE A 388 13.32 -6.50 -6.47
N LYS A 389 12.24 -6.50 -5.70
CA LYS A 389 11.24 -7.57 -5.75
C LYS A 389 10.79 -7.87 -7.17
N LYS A 390 10.72 -9.14 -7.52
CA LYS A 390 10.30 -9.54 -8.86
C LYS A 390 9.00 -10.34 -8.79
N GLY A 391 8.12 -10.08 -9.76
CA GLY A 391 6.84 -10.77 -9.81
C GLY A 391 6.02 -10.56 -8.55
N ALA A 392 5.96 -9.32 -8.08
CA ALA A 392 5.21 -9.00 -6.88
C ALA A 392 4.17 -7.91 -7.15
N LEU A 393 3.26 -7.71 -6.20
CA LEU A 393 2.24 -6.69 -6.34
C LEU A 393 2.83 -5.35 -5.90
N ILE A 394 3.45 -5.33 -4.73
CA ILE A 394 4.04 -4.09 -4.24
C ILE A 394 5.53 -4.09 -4.58
N ARG A 395 6.00 -3.01 -5.20
CA ARG A 395 7.39 -2.91 -5.60
C ARG A 395 8.25 -2.54 -4.40
N GLY A 396 9.53 -2.89 -4.45
CA GLY A 396 10.40 -2.57 -3.34
C GLY A 396 11.71 -3.35 -3.33
N PRO A 397 12.70 -2.90 -2.54
CA PRO A 397 14.00 -3.59 -2.47
C PRO A 397 13.82 -4.99 -1.91
N GLU A 398 14.61 -5.94 -2.40
CA GLU A 398 14.56 -7.30 -1.89
C GLU A 398 15.51 -7.30 -0.69
N ALA A 399 16.47 -6.39 -0.77
CA ALA A 399 17.50 -6.20 0.26
C ALA A 399 18.13 -4.82 0.01
N LEU A 400 18.65 -4.19 1.06
CA LEU A 400 19.23 -2.86 0.89
C LEU A 400 20.59 -2.77 1.58
N PRO A 401 21.65 -3.21 0.90
CA PRO A 401 23.00 -3.18 1.45
C PRO A 401 23.50 -1.77 1.69
N VAL A 402 23.81 -1.45 2.93
CA VAL A 402 24.32 -0.13 3.27
C VAL A 402 25.47 -0.26 4.27
N THR A 403 26.25 0.80 4.38
CA THR A 403 27.37 0.84 5.30
C THR A 403 27.34 2.24 5.92
N TRP A 404 28.23 2.50 6.87
CA TRP A 404 28.28 3.81 7.50
C TRP A 404 29.64 4.10 8.08
N HIS A 405 29.81 5.26 8.69
CA HIS A 405 31.11 5.64 9.22
C HIS A 405 31.82 4.59 10.07
N HIS A 406 31.31 4.32 11.26
CA HIS A 406 31.93 3.33 12.15
C HIS A 406 33.03 2.51 11.46
N ALA A 407 32.62 1.45 10.78
CA ALA A 407 33.56 0.60 10.06
C ALA A 407 33.28 0.73 8.56
CHA HEM B . -5.92 -0.03 1.05
CHB HEM B . -1.77 2.15 -0.08
CHC HEM B . -0.06 1.07 4.31
CHD HEM B . -4.19 -1.11 5.39
C1A HEM B . -4.98 0.67 0.35
C2A HEM B . -5.10 1.14 -1.03
C3A HEM B . -3.95 1.76 -1.36
C4A HEM B . -3.07 1.68 -0.19
CMA HEM B . -3.59 2.42 -2.68
CAA HEM B . -6.35 0.92 -1.91
CBA HEM B . -7.37 2.04 -2.02
CGA HEM B . -8.50 1.64 -2.98
O1A HEM B . -8.98 2.57 -3.70
O2A HEM B . -8.88 0.45 -3.00
C1B HEM B . -0.93 2.04 1.00
C2B HEM B . 0.46 2.53 1.05
C3B HEM B . 0.94 2.22 2.29
C4B HEM B . -0.13 1.56 3.01
CMB HEM B . 1.18 3.24 -0.10
CAB HEM B . 2.35 2.47 2.90
CBB HEM B . 2.92 3.90 2.80
C1C HEM B . -1.05 0.40 4.99
C2C HEM B . -0.91 -0.10 6.37
C3C HEM B . -2.06 -0.71 6.67
C4C HEM B . -2.92 -0.60 5.51
CMC HEM B . 0.36 0.08 7.24
CAC HEM B . -2.47 -1.44 7.98
CBC HEM B . -3.00 -0.53 9.09
C1D HEM B . -5.03 -1.02 4.32
C2D HEM B . -6.37 -1.59 4.24
C3D HEM B . -6.85 -1.27 3.01
C4D HEM B . -5.83 -0.52 2.33
CMD HEM B . -7.08 -2.40 5.36
CAD HEM B . -8.22 -1.64 2.45
CBD HEM B . -9.21 -0.49 2.75
CGD HEM B . -10.60 -0.76 2.20
O1D HEM B . -10.73 -1.29 1.09
O2D HEM B . -11.53 -0.39 2.96
NA HEM B . -3.74 1.01 0.82
NB HEM B . -1.26 1.44 2.21
NC HEM B . -2.29 0.10 4.50
ND HEM B . -4.70 -0.36 3.13
FE HEM B . -3.03 0.58 2.67
OAB NQ C . -4.80 -1.84 -3.66
CAK NQ C . -3.79 -1.68 -2.97
CAM NQ C . -3.76 -2.13 -1.65
CAG NQ C . -4.87 -2.74 -1.10
CAE NQ C . -4.85 -3.18 0.24
CAD NQ C . -3.69 -3.00 0.99
CAF NQ C . -2.57 -2.38 0.43
CAL NQ C . -2.60 -1.96 -0.89
CAJ NQ C . -1.48 -1.34 -1.45
OAA NQ C . -0.46 -1.20 -0.79
CAH NQ C . -1.52 -0.88 -2.76
CAI NQ C . -2.68 -1.05 -3.52
OAC NQ C . -2.72 -0.58 -4.80
OAB NQ D . -5.69 -7.02 -0.95
CAK NQ D . -4.87 -6.55 -1.74
CAM NQ D . -3.60 -6.17 -1.29
CAG NQ D . -3.27 -6.32 0.05
CAE NQ D . -2.00 -5.94 0.50
CAD NQ D . -1.08 -5.42 -0.40
CAF NQ D . -1.42 -5.26 -1.74
CAL NQ D . -2.68 -5.64 -2.19
CAJ NQ D . -3.01 -5.50 -3.54
OAA NQ D . -2.20 -5.03 -4.33
CAH NQ D . -4.27 -5.89 -3.98
CAI NQ D . -5.20 -6.41 -3.09
OAC NQ D . -6.43 -6.81 -3.53
#